data_3RLJ
#
_entry.id   3RLJ
#
_cell.length_a   54.742
_cell.length_b   66.795
_cell.length_c   69.374
_cell.angle_alpha   90.00
_cell.angle_beta   90.00
_cell.angle_gamma   90.00
#
_symmetry.space_group_name_H-M   'P 21 21 21'
#
loop_
_entity.id
_entity.type
_entity.pdbx_description
1 polymer 'Androgen receptor'
2 non-polymer (2S)-3-(4-cyanophenoxy)-N-[4-cyano-3-(trifluoromethyl)phenyl]-2-hydroxy-2-methylpropanamide
3 water water
#
_entity_poly.entity_id   1
_entity_poly.type   'polypeptide(L)'
_entity_poly.pdbx_seq_one_letter_code
;PIFLNVLEAIEPGVVCAGHDNNQPDSFAALLSSLNELGERQLVHVVKWAKALPGFRNLHVDDQMAVIQYSWMGLMVFAMG
WRSFTNVNSRMLYFAPDLVFNEYRMHKSRMYSQCVRMRHLSQEFGWLQITPQEFLCMKALLLFSIIPVDGLKNQKFFDEL
RMNYIKELDRIIACKRKNPTSCSRRFYQLTKLLDSVQPIARELHQFTFDLLIKSHMVSVDFPEMMAEIISVQVPKILSGK
VKPIYFH
;
_entity_poly.pdbx_strand_id   A
#
# COMPACT_ATOMS: atom_id res chain seq x y z
N PRO A 1 -9.97 14.20 -19.33
CA PRO A 1 -9.52 13.18 -18.35
C PRO A 1 -9.43 13.84 -16.97
N ILE A 2 -10.56 14.40 -16.53
CA ILE A 2 -10.62 15.07 -15.24
C ILE A 2 -10.10 14.22 -14.10
N PHE A 3 -10.69 13.04 -13.93
CA PHE A 3 -10.31 12.12 -12.86
C PHE A 3 -8.83 11.77 -12.83
N LEU A 4 -8.28 11.37 -13.99
CA LEU A 4 -6.86 11.02 -14.04
C LEU A 4 -5.99 12.24 -13.82
N ASN A 5 -6.45 13.40 -14.27
CA ASN A 5 -5.68 14.62 -14.06
C ASN A 5 -5.46 14.83 -12.57
N VAL A 6 -6.49 14.58 -11.78
CA VAL A 6 -6.41 14.75 -10.34
C VAL A 6 -5.44 13.78 -9.68
N LEU A 7 -5.55 12.50 -10.02
CA LEU A 7 -4.67 11.48 -9.42
C LEU A 7 -3.20 11.77 -9.70
N GLU A 8 -2.92 12.20 -10.92
CA GLU A 8 -1.54 12.51 -11.33
C GLU A 8 -1.09 13.74 -10.56
N ALA A 9 -2.00 14.70 -10.41
CA ALA A 9 -1.73 15.95 -9.71
C ALA A 9 -1.41 15.76 -8.22
N ILE A 10 -2.06 14.80 -7.58
CA ILE A 10 -1.84 14.59 -6.15
C ILE A 10 -0.85 13.47 -5.79
N GLU A 11 -0.38 12.74 -6.80
CA GLU A 11 0.56 11.66 -6.57
C GLU A 11 1.80 12.13 -5.81
N PRO A 12 2.04 11.57 -4.62
CA PRO A 12 3.19 11.93 -3.78
C PRO A 12 4.53 11.84 -4.51
N GLY A 13 5.44 12.73 -4.14
CA GLY A 13 6.76 12.73 -4.75
C GLY A 13 7.69 11.76 -4.03
N VAL A 14 8.98 11.90 -4.28
CA VAL A 14 10.00 11.05 -3.69
C VAL A 14 10.11 11.24 -2.19
N VAL A 15 10.11 10.14 -1.46
CA VAL A 15 10.23 10.19 -0.01
C VAL A 15 11.47 9.39 0.37
N CYS A 16 12.37 10.00 1.13
CA CYS A 16 13.59 9.33 1.54
C CYS A 16 13.46 8.84 2.97
N ALA A 17 14.21 7.78 3.28
CA ALA A 17 14.19 7.16 4.61
C ALA A 17 15.15 7.82 5.61
N GLY A 18 16.23 8.41 5.11
CA GLY A 18 17.21 9.03 6.00
C GLY A 18 18.20 8.01 6.53
N HIS A 19 18.24 6.85 5.87
CA HIS A 19 19.11 5.74 6.24
C HIS A 19 20.60 6.03 6.02
N ASP A 20 21.46 5.48 6.88
CA ASP A 20 22.90 5.66 6.74
C ASP A 20 23.46 4.49 5.94
N ASN A 21 23.73 4.71 4.65
CA ASN A 21 24.24 3.63 3.80
C ASN A 21 25.76 3.43 3.84
N ASN A 22 26.44 4.20 4.68
CA ASN A 22 27.88 4.06 4.80
C ASN A 22 28.13 3.13 5.99
N GLN A 23 27.04 2.75 6.64
CA GLN A 23 27.10 1.89 7.81
C GLN A 23 26.81 0.45 7.41
N PRO A 24 27.57 -0.51 7.94
CA PRO A 24 27.33 -1.92 7.62
C PRO A 24 25.89 -2.25 7.99
N ASP A 25 25.21 -3.04 7.17
CA ASP A 25 23.83 -3.41 7.44
C ASP A 25 23.66 -4.11 8.79
N SER A 26 22.56 -3.78 9.48
CA SER A 26 22.25 -4.41 10.76
C SER A 26 20.74 -4.40 10.86
N PHE A 27 20.18 -5.43 11.50
CA PHE A 27 18.75 -5.54 11.66
C PHE A 27 18.16 -4.28 12.31
N ALA A 28 18.79 -3.83 13.38
CA ALA A 28 18.30 -2.66 14.11
C ALA A 28 18.23 -1.40 13.26
N ALA A 29 19.29 -1.12 12.51
CA ALA A 29 19.33 0.06 11.67
C ALA A 29 18.30 -0.02 10.54
N LEU A 30 18.28 -1.15 9.83
CA LEU A 30 17.34 -1.32 8.73
C LEU A 30 15.90 -1.11 9.20
N LEU A 31 15.53 -1.74 10.31
CA LEU A 31 14.17 -1.60 10.82
C LEU A 31 13.84 -0.19 11.29
N SER A 32 14.79 0.48 11.94
CA SER A 32 14.54 1.85 12.38
C SER A 32 14.30 2.72 11.15
N SER A 33 14.99 2.42 10.07
CA SER A 33 14.81 3.20 8.86
C SER A 33 13.48 2.83 8.21
N LEU A 34 13.08 1.57 8.31
CA LEU A 34 11.80 1.18 7.73
C LEU A 34 10.68 1.85 8.52
N ASN A 35 10.84 1.97 9.83
CA ASN A 35 9.81 2.62 10.65
C ASN A 35 9.74 4.11 10.33
N GLU A 36 10.90 4.76 10.25
CA GLU A 36 10.96 6.19 9.93
C GLU A 36 10.36 6.44 8.55
N LEU A 37 10.76 5.63 7.58
CA LEU A 37 10.25 5.74 6.21
C LEU A 37 8.74 5.57 6.19
N GLY A 38 8.26 4.58 6.94
CA GLY A 38 6.83 4.33 7.00
C GLY A 38 6.08 5.54 7.54
N GLU A 39 6.65 6.17 8.56
CA GLU A 39 6.03 7.34 9.16
C GLU A 39 6.11 8.53 8.20
N ARG A 40 7.21 8.65 7.47
CA ARG A 40 7.33 9.75 6.53
C ARG A 40 6.30 9.61 5.42
N GLN A 41 6.11 8.38 4.95
CA GLN A 41 5.16 8.14 3.87
C GLN A 41 3.71 8.35 4.29
N LEU A 42 3.37 7.99 5.51
CA LEU A 42 2.01 8.17 6.00
C LEU A 42 1.62 9.65 5.90
N VAL A 43 2.56 10.54 6.22
CA VAL A 43 2.29 11.97 6.15
C VAL A 43 1.77 12.32 4.75
N HIS A 44 2.37 11.70 3.74
CA HIS A 44 1.99 11.93 2.35
C HIS A 44 0.73 11.17 1.97
N VAL A 45 0.53 9.99 2.53
CA VAL A 45 -0.67 9.22 2.21
C VAL A 45 -1.88 10.00 2.72
N VAL A 46 -1.71 10.70 3.84
CA VAL A 46 -2.79 11.49 4.41
C VAL A 46 -3.14 12.68 3.52
N LYS A 47 -2.15 13.45 3.12
CA LYS A 47 -2.37 14.61 2.24
C LYS A 47 -2.92 14.17 0.89
N TRP A 48 -2.43 13.03 0.39
CA TRP A 48 -2.86 12.45 -0.89
C TRP A 48 -4.32 12.01 -0.80
N ALA A 49 -4.61 11.17 0.19
CA ALA A 49 -5.96 10.65 0.41
C ALA A 49 -7.01 11.74 0.60
N LYS A 50 -6.69 12.75 1.40
CA LYS A 50 -7.63 13.84 1.65
C LYS A 50 -7.88 14.71 0.42
N ALA A 51 -7.05 14.56 -0.61
CA ALA A 51 -7.22 15.33 -1.83
C ALA A 51 -7.85 14.48 -2.95
N LEU A 52 -8.19 13.25 -2.60
CA LEU A 52 -8.80 12.31 -3.54
C LEU A 52 -10.24 12.74 -3.85
N PRO A 53 -10.67 12.61 -5.12
CA PRO A 53 -12.04 13.03 -5.42
C PRO A 53 -13.04 12.31 -4.53
N GLY A 54 -13.95 13.06 -3.92
CA GLY A 54 -14.98 12.48 -3.08
C GLY A 54 -14.57 11.95 -1.72
N PHE A 55 -13.29 12.05 -1.37
CA PHE A 55 -12.85 11.54 -0.08
C PHE A 55 -13.49 12.26 1.13
N ARG A 56 -13.69 13.57 1.00
CA ARG A 56 -14.28 14.37 2.06
C ARG A 56 -15.73 13.97 2.35
N ASN A 57 -16.34 13.25 1.42
CA ASN A 57 -17.72 12.80 1.59
C ASN A 57 -17.81 11.82 2.76
N LEU A 58 -16.71 11.11 3.02
CA LEU A 58 -16.68 10.14 4.11
C LEU A 58 -16.76 10.82 5.46
N HIS A 59 -17.27 10.11 6.45
CA HIS A 59 -17.36 10.68 7.78
C HIS A 59 -15.94 10.86 8.32
N VAL A 60 -15.74 11.91 9.10
CA VAL A 60 -14.44 12.23 9.69
C VAL A 60 -13.72 11.01 10.26
N ASP A 61 -14.43 10.25 11.10
CA ASP A 61 -13.85 9.07 11.75
C ASP A 61 -13.50 7.98 10.75
N ASP A 62 -14.30 7.87 9.69
CA ASP A 62 -14.05 6.86 8.67
C ASP A 62 -12.85 7.20 7.79
N GLN A 63 -12.57 8.48 7.62
CA GLN A 63 -11.45 8.92 6.81
C GLN A 63 -10.13 8.49 7.44
N MET A 64 -10.00 8.68 8.76
CA MET A 64 -8.79 8.30 9.47
C MET A 64 -8.62 6.79 9.54
N ALA A 65 -9.70 6.09 9.88
CA ALA A 65 -9.69 4.65 10.01
C ALA A 65 -9.28 4.00 8.70
N VAL A 66 -9.91 4.45 7.62
CA VAL A 66 -9.61 3.93 6.30
C VAL A 66 -8.15 4.14 5.89
N ILE A 67 -7.60 5.31 6.22
CA ILE A 67 -6.21 5.59 5.89
C ILE A 67 -5.30 4.66 6.70
N GLN A 68 -5.56 4.58 8.00
CA GLN A 68 -4.77 3.74 8.89
C GLN A 68 -4.79 2.25 8.53
N TYR A 69 -5.94 1.72 8.12
CA TYR A 69 -6.01 0.30 7.76
C TYR A 69 -5.29 0.04 6.44
N SER A 70 -5.51 0.93 5.46
CA SER A 70 -4.90 0.79 4.14
C SER A 70 -3.43 1.18 4.07
N TRP A 71 -2.95 1.87 5.10
CA TRP A 71 -1.59 2.34 5.16
C TRP A 71 -0.54 1.36 4.62
N MET A 72 -0.42 0.19 5.24
CA MET A 72 0.57 -0.79 4.81
C MET A 72 0.42 -1.16 3.32
N GLY A 73 -0.77 -1.61 2.94
CA GLY A 73 -1.01 -2.03 1.57
C GLY A 73 -0.70 -0.97 0.53
N LEU A 74 -1.05 0.28 0.83
CA LEU A 74 -0.79 1.39 -0.07
C LEU A 74 0.71 1.51 -0.29
N MET A 75 1.49 1.40 0.79
CA MET A 75 2.93 1.50 0.66
C MET A 75 3.50 0.32 -0.11
N VAL A 76 2.90 -0.86 0.07
CA VAL A 76 3.38 -2.05 -0.62
C VAL A 76 3.20 -1.91 -2.13
N PHE A 77 2.00 -1.50 -2.53
CA PHE A 77 1.65 -1.36 -3.93
C PHE A 77 2.54 -0.32 -4.63
N ALA A 78 2.73 0.82 -3.99
CA ALA A 78 3.56 1.88 -4.56
C ALA A 78 5.02 1.47 -4.60
N MET A 79 5.47 0.71 -3.59
CA MET A 79 6.86 0.28 -3.54
C MET A 79 7.13 -0.69 -4.67
N GLY A 80 6.18 -1.58 -4.94
CA GLY A 80 6.34 -2.54 -6.02
C GLY A 80 6.46 -1.82 -7.35
N TRP A 81 5.61 -0.81 -7.55
CA TRP A 81 5.63 -0.05 -8.79
C TRP A 81 6.97 0.69 -8.95
N ARG A 82 7.48 1.23 -7.84
CA ARG A 82 8.76 1.93 -7.88
C ARG A 82 9.87 0.95 -8.21
N SER A 83 9.80 -0.23 -7.60
CA SER A 83 10.82 -1.24 -7.85
C SER A 83 10.83 -1.63 -9.31
N PHE A 84 9.64 -1.70 -9.91
CA PHE A 84 9.52 -2.07 -11.30
C PHE A 84 10.09 -1.00 -12.24
N THR A 85 9.59 0.23 -12.10
CA THR A 85 10.04 1.31 -12.97
C THR A 85 11.50 1.74 -12.75
N ASN A 86 11.96 1.71 -11.51
CA ASN A 86 13.33 2.14 -11.23
C ASN A 86 14.40 1.10 -11.49
N VAL A 87 14.26 -0.09 -10.91
CA VAL A 87 15.26 -1.13 -11.07
C VAL A 87 14.79 -2.41 -11.75
N ASN A 88 13.68 -2.32 -12.48
CA ASN A 88 13.14 -3.48 -13.17
C ASN A 88 13.00 -4.68 -12.22
N SER A 89 12.55 -4.40 -11.01
CA SER A 89 12.33 -5.43 -10.00
C SER A 89 13.59 -6.13 -9.53
N ARG A 90 14.74 -5.61 -9.92
CA ARG A 90 16.00 -6.21 -9.52
C ARG A 90 16.15 -6.16 -8.01
N MET A 91 15.63 -5.10 -7.40
CA MET A 91 15.68 -4.91 -5.97
C MET A 91 14.42 -4.23 -5.52
N LEU A 92 14.21 -4.15 -4.20
CA LEU A 92 13.02 -3.49 -3.67
C LEU A 92 13.41 -2.05 -3.41
N TYR A 93 12.74 -1.17 -4.14
CA TYR A 93 12.98 0.26 -4.05
C TYR A 93 12.07 0.92 -2.99
N PHE A 94 12.36 0.69 -1.71
CA PHE A 94 11.56 1.30 -0.65
C PHE A 94 11.72 2.82 -0.77
N ALA A 95 12.95 3.26 -0.96
CA ALA A 95 13.28 4.66 -1.12
C ALA A 95 14.63 4.72 -1.83
N PRO A 96 14.97 5.87 -2.43
CA PRO A 96 16.25 5.99 -3.13
C PRO A 96 17.42 5.66 -2.20
N ASP A 97 17.25 5.98 -0.91
CA ASP A 97 18.29 5.71 0.08
C ASP A 97 17.99 4.46 0.91
N LEU A 98 17.07 3.62 0.42
CA LEU A 98 16.74 2.38 1.11
C LEU A 98 16.34 1.34 0.06
N VAL A 99 17.35 0.80 -0.62
CA VAL A 99 17.13 -0.20 -1.66
C VAL A 99 17.56 -1.57 -1.11
N PHE A 100 16.67 -2.54 -1.20
CA PHE A 100 16.96 -3.88 -0.69
C PHE A 100 17.41 -4.92 -1.70
N ASN A 101 18.58 -5.51 -1.47
CA ASN A 101 19.05 -6.61 -2.30
C ASN A 101 18.68 -7.80 -1.42
N GLU A 102 18.89 -9.02 -1.90
CA GLU A 102 18.51 -10.20 -1.10
C GLU A 102 19.18 -10.24 0.26
N TYR A 103 20.40 -9.72 0.33
CA TYR A 103 21.12 -9.71 1.60
C TYR A 103 20.39 -8.84 2.64
N ARG A 104 19.88 -7.69 2.20
CA ARG A 104 19.16 -6.81 3.09
C ARG A 104 17.80 -7.43 3.41
N MET A 105 17.21 -8.10 2.42
CA MET A 105 15.93 -8.76 2.62
C MET A 105 16.08 -9.79 3.74
N HIS A 106 17.21 -10.48 3.74
CA HIS A 106 17.50 -11.50 4.74
C HIS A 106 17.83 -10.90 6.10
N LYS A 107 18.65 -9.86 6.12
CA LYS A 107 19.01 -9.25 7.40
C LYS A 107 17.85 -8.53 8.06
N SER A 108 16.84 -8.15 7.26
CA SER A 108 15.67 -7.45 7.79
C SER A 108 14.73 -8.43 8.49
N ARG A 109 14.90 -9.72 8.18
CA ARG A 109 14.08 -10.77 8.74
C ARG A 109 12.67 -10.73 8.13
N MET A 110 12.53 -10.03 7.02
CA MET A 110 11.26 -9.91 6.30
C MET A 110 11.47 -10.48 4.90
N TYR A 111 12.38 -11.43 4.80
CA TYR A 111 12.70 -12.05 3.51
C TYR A 111 11.49 -12.62 2.77
N SER A 112 10.68 -13.44 3.43
CA SER A 112 9.51 -14.00 2.75
C SER A 112 8.58 -12.91 2.23
N GLN A 113 8.33 -11.90 3.05
CA GLN A 113 7.45 -10.82 2.61
C GLN A 113 8.09 -10.06 1.44
N CYS A 114 9.40 -9.80 1.53
CA CYS A 114 10.10 -9.08 0.47
C CYS A 114 10.06 -9.82 -0.86
N VAL A 115 10.20 -11.14 -0.81
CA VAL A 115 10.18 -11.94 -2.04
C VAL A 115 8.80 -11.85 -2.69
N ARG A 116 7.77 -11.72 -1.86
CA ARG A 116 6.41 -11.62 -2.36
C ARG A 116 6.21 -10.26 -3.01
N MET A 117 6.89 -9.25 -2.49
CA MET A 117 6.79 -7.90 -3.06
C MET A 117 7.60 -7.77 -4.34
N ARG A 118 8.69 -8.53 -4.45
CA ARG A 118 9.50 -8.49 -5.66
C ARG A 118 8.65 -9.12 -6.77
N HIS A 119 7.92 -10.16 -6.41
CA HIS A 119 7.06 -10.84 -7.36
C HIS A 119 5.97 -9.87 -7.82
N LEU A 120 5.44 -9.09 -6.88
CA LEU A 120 4.41 -8.10 -7.19
C LEU A 120 4.99 -7.12 -8.19
N SER A 121 6.21 -6.67 -7.89
CA SER A 121 6.94 -5.73 -8.73
C SER A 121 7.08 -6.28 -10.16
N GLN A 122 7.35 -7.57 -10.27
CA GLN A 122 7.51 -8.21 -11.58
C GLN A 122 6.17 -8.26 -12.30
N GLU A 123 5.10 -8.40 -11.51
CA GLU A 123 3.75 -8.44 -12.05
C GLU A 123 3.44 -7.14 -12.80
N PHE A 124 3.89 -6.00 -12.27
CA PHE A 124 3.63 -4.73 -12.95
C PHE A 124 4.18 -4.80 -14.37
N GLY A 125 5.30 -5.49 -14.53
CA GLY A 125 5.92 -5.61 -15.84
C GLY A 125 5.23 -6.62 -16.73
N TRP A 126 5.05 -7.83 -16.21
CA TRP A 126 4.41 -8.91 -16.95
C TRP A 126 3.03 -8.53 -17.46
N LEU A 127 2.26 -7.84 -16.62
CA LEU A 127 0.91 -7.41 -16.99
C LEU A 127 0.93 -6.09 -17.76
N GLN A 128 2.11 -5.50 -17.90
CA GLN A 128 2.25 -4.24 -18.60
C GLN A 128 1.29 -3.21 -18.02
N ILE A 129 1.31 -3.07 -16.69
CA ILE A 129 0.46 -2.10 -16.03
C ILE A 129 0.88 -0.70 -16.49
N THR A 130 -0.10 0.09 -16.92
CA THR A 130 0.18 1.45 -17.38
C THR A 130 0.23 2.37 -16.17
N PRO A 131 0.86 3.55 -16.32
CA PRO A 131 0.94 4.49 -15.19
C PRO A 131 -0.43 4.92 -14.70
N GLN A 132 -1.40 4.97 -15.62
CA GLN A 132 -2.73 5.40 -15.25
C GLN A 132 -3.50 4.28 -14.55
N GLU A 133 -3.32 3.04 -14.99
CA GLU A 133 -3.99 1.91 -14.32
C GLU A 133 -3.47 1.86 -12.89
N PHE A 134 -2.15 2.01 -12.75
CA PHE A 134 -1.50 2.00 -11.44
C PHE A 134 -2.10 3.04 -10.49
N LEU A 135 -2.26 4.26 -10.98
CA LEU A 135 -2.81 5.34 -10.16
C LEU A 135 -4.24 5.08 -9.72
N CYS A 136 -5.06 4.50 -10.62
CA CYS A 136 -6.45 4.24 -10.27
C CYS A 136 -6.53 3.05 -9.33
N MET A 137 -5.71 2.03 -9.60
CA MET A 137 -5.69 0.85 -8.74
C MET A 137 -5.24 1.22 -7.33
N LYS A 138 -4.30 2.16 -7.23
CA LYS A 138 -3.81 2.56 -5.91
C LYS A 138 -4.90 3.29 -5.13
N ALA A 139 -5.58 4.23 -5.77
CA ALA A 139 -6.67 4.97 -5.14
C ALA A 139 -7.72 3.97 -4.67
N LEU A 140 -8.00 2.98 -5.53
CA LEU A 140 -9.00 1.95 -5.23
C LEU A 140 -8.58 1.14 -4.00
N LEU A 141 -7.29 0.88 -3.88
CA LEU A 141 -6.74 0.14 -2.75
C LEU A 141 -7.12 0.80 -1.42
N LEU A 142 -7.17 2.13 -1.41
CA LEU A 142 -7.52 2.86 -0.19
C LEU A 142 -8.91 2.51 0.32
N PHE A 143 -9.79 2.09 -0.58
CA PHE A 143 -11.15 1.75 -0.21
C PHE A 143 -11.41 0.26 -0.29
N SER A 144 -10.47 -0.54 0.21
CA SER A 144 -10.59 -1.99 0.12
C SER A 144 -10.37 -2.78 1.42
N ILE A 145 -10.63 -2.15 2.56
CA ILE A 145 -10.46 -2.81 3.84
C ILE A 145 -11.31 -2.09 4.89
N ILE A 146 -12.36 -2.76 5.36
CA ILE A 146 -13.28 -2.17 6.34
C ILE A 146 -13.61 -3.07 7.54
N PRO A 147 -14.26 -2.50 8.57
CA PRO A 147 -14.63 -3.26 9.77
C PRO A 147 -15.89 -4.05 9.44
N VAL A 148 -16.05 -5.21 10.07
CA VAL A 148 -17.22 -6.03 9.86
C VAL A 148 -18.45 -5.31 10.41
N ASP A 149 -18.27 -4.60 11.51
CA ASP A 149 -19.36 -3.85 12.14
C ASP A 149 -19.70 -2.60 11.34
N GLY A 150 -18.97 -2.39 10.25
CA GLY A 150 -19.22 -1.24 9.39
C GLY A 150 -18.62 0.07 9.85
N LEU A 151 -18.56 1.04 8.94
CA LEU A 151 -18.03 2.37 9.22
C LEU A 151 -19.15 3.22 9.79
N LYS A 152 -18.84 4.47 10.17
CA LYS A 152 -19.86 5.36 10.72
C LYS A 152 -20.89 5.67 9.65
N ASN A 153 -20.40 5.87 8.43
CA ASN A 153 -21.25 6.15 7.28
C ASN A 153 -20.89 5.17 6.19
N GLN A 154 -21.29 3.93 6.38
CA GLN A 154 -20.99 2.87 5.43
C GLN A 154 -21.49 3.16 4.02
N LYS A 155 -22.69 3.72 3.90
CA LYS A 155 -23.25 4.03 2.60
C LYS A 155 -22.40 4.98 1.77
N PHE A 156 -21.86 6.03 2.39
CA PHE A 156 -21.02 6.97 1.66
C PHE A 156 -19.75 6.25 1.23
N PHE A 157 -19.33 5.25 2.00
CA PHE A 157 -18.14 4.50 1.65
C PHE A 157 -18.43 3.64 0.42
N ASP A 158 -19.53 2.89 0.47
CA ASP A 158 -19.91 2.03 -0.64
C ASP A 158 -20.02 2.80 -1.96
N GLU A 159 -20.68 3.94 -1.94
CA GLU A 159 -20.81 4.75 -3.15
C GLU A 159 -19.44 5.10 -3.68
N LEU A 160 -18.62 5.67 -2.82
CA LEU A 160 -17.27 6.08 -3.18
C LEU A 160 -16.49 4.93 -3.81
N ARG A 161 -16.51 3.76 -3.15
CA ARG A 161 -15.80 2.60 -3.66
C ARG A 161 -16.33 2.20 -5.04
N MET A 162 -17.66 2.21 -5.18
CA MET A 162 -18.25 1.86 -6.46
C MET A 162 -17.79 2.84 -7.54
N ASN A 163 -17.75 4.13 -7.23
CA ASN A 163 -17.32 5.14 -8.19
C ASN A 163 -15.86 4.93 -8.63
N TYR A 164 -15.02 4.47 -7.71
CA TYR A 164 -13.63 4.25 -8.08
C TYR A 164 -13.50 3.02 -8.99
N ILE A 165 -14.36 2.02 -8.77
CA ILE A 165 -14.35 0.83 -9.60
C ILE A 165 -14.76 1.25 -11.02
N LYS A 166 -15.76 2.13 -11.10
CA LYS A 166 -16.24 2.62 -12.38
C LYS A 166 -15.12 3.34 -13.13
N GLU A 167 -14.31 4.10 -12.39
CA GLU A 167 -13.19 4.80 -13.02
C GLU A 167 -12.21 3.79 -13.62
N LEU A 168 -11.98 2.69 -12.91
CA LEU A 168 -11.06 1.67 -13.39
C LEU A 168 -11.65 1.08 -14.68
N ASP A 169 -12.96 0.92 -14.69
CA ASP A 169 -13.66 0.39 -15.86
C ASP A 169 -13.38 1.28 -17.05
N ARG A 170 -13.58 2.59 -16.85
CA ARG A 170 -13.36 3.57 -17.90
C ARG A 170 -11.95 3.54 -18.45
N ILE A 171 -10.95 3.48 -17.57
CA ILE A 171 -9.57 3.45 -18.00
C ILE A 171 -9.29 2.19 -18.80
N ILE A 172 -10.00 1.11 -18.47
CA ILE A 172 -9.84 -0.15 -19.18
C ILE A 172 -10.53 -0.10 -20.54
N ALA A 173 -11.73 0.47 -20.57
CA ALA A 173 -12.51 0.57 -21.80
C ALA A 173 -11.85 1.54 -22.78
N CYS A 174 -11.05 2.46 -22.25
CA CYS A 174 -10.38 3.43 -23.10
C CYS A 174 -9.39 2.72 -24.01
N LYS A 175 -9.67 2.78 -25.31
CA LYS A 175 -8.82 2.15 -26.32
C LYS A 175 -9.00 0.63 -26.40
N ARG A 176 -10.19 0.18 -26.01
CA ARG A 176 -10.54 -1.24 -26.07
C ARG A 176 -11.99 -1.32 -26.52
N LYS A 177 -12.21 -1.86 -27.70
CA LYS A 177 -13.56 -1.98 -28.24
C LYS A 177 -14.23 -3.28 -27.81
N ASN A 178 -13.47 -4.37 -27.79
CA ASN A 178 -13.99 -5.67 -27.42
C ASN A 178 -14.20 -5.84 -25.93
N PRO A 179 -15.46 -6.02 -25.49
CA PRO A 179 -15.79 -6.20 -24.07
C PRO A 179 -14.99 -7.35 -23.47
N THR A 180 -14.81 -8.41 -24.26
CA THR A 180 -14.06 -9.58 -23.83
C THR A 180 -12.66 -9.14 -23.41
N SER A 181 -12.12 -8.16 -24.12
CA SER A 181 -10.79 -7.64 -23.84
C SER A 181 -10.82 -6.85 -22.54
N CYS A 182 -11.88 -6.07 -22.35
CA CYS A 182 -12.04 -5.28 -21.13
C CYS A 182 -12.20 -6.23 -19.94
N SER A 183 -12.99 -7.28 -20.15
CA SER A 183 -13.25 -8.28 -19.13
C SER A 183 -11.98 -8.95 -18.63
N ARG A 184 -11.16 -9.45 -19.55
CA ARG A 184 -9.93 -10.10 -19.14
C ARG A 184 -9.02 -9.13 -18.39
N ARG A 185 -8.99 -7.88 -18.84
CA ARG A 185 -8.15 -6.88 -18.20
C ARG A 185 -8.63 -6.62 -16.77
N PHE A 186 -9.95 -6.48 -16.61
CA PHE A 186 -10.52 -6.23 -15.29
C PHE A 186 -10.21 -7.44 -14.41
N TYR A 187 -10.23 -8.62 -15.02
CA TYR A 187 -9.93 -9.83 -14.26
C TYR A 187 -8.51 -9.75 -13.72
N GLN A 188 -7.55 -9.45 -14.60
CA GLN A 188 -6.14 -9.36 -14.22
C GLN A 188 -5.86 -8.33 -13.14
N LEU A 189 -6.42 -7.14 -13.30
CA LEU A 189 -6.19 -6.06 -12.36
C LEU A 189 -6.78 -6.33 -10.97
N THR A 190 -8.00 -6.84 -10.93
CA THR A 190 -8.64 -7.14 -9.64
C THR A 190 -7.87 -8.28 -8.97
N LYS A 191 -7.30 -9.18 -9.77
CA LYS A 191 -6.53 -10.29 -9.24
C LYS A 191 -5.23 -9.75 -8.62
N LEU A 192 -4.66 -8.74 -9.28
CA LEU A 192 -3.43 -8.13 -8.79
C LEU A 192 -3.68 -7.37 -7.49
N LEU A 193 -4.78 -6.64 -7.44
CA LEU A 193 -5.12 -5.86 -6.25
C LEU A 193 -5.33 -6.77 -5.05
N ASP A 194 -6.02 -7.90 -5.25
CA ASP A 194 -6.25 -8.84 -4.16
C ASP A 194 -4.90 -9.31 -3.60
N SER A 195 -3.97 -9.66 -4.49
CA SER A 195 -2.66 -10.14 -4.09
C SER A 195 -1.91 -9.22 -3.14
N VAL A 196 -2.25 -7.94 -3.12
CA VAL A 196 -1.60 -7.01 -2.23
C VAL A 196 -1.96 -7.26 -0.76
N GLN A 197 -3.21 -7.63 -0.52
CA GLN A 197 -3.71 -7.85 0.84
C GLN A 197 -2.98 -8.92 1.66
N PRO A 198 -2.75 -10.12 1.08
CA PRO A 198 -2.05 -11.15 1.85
C PRO A 198 -0.64 -10.69 2.23
N ILE A 199 -0.07 -9.82 1.39
CA ILE A 199 1.26 -9.30 1.65
C ILE A 199 1.23 -8.37 2.85
N ALA A 200 0.28 -7.43 2.84
CA ALA A 200 0.16 -6.47 3.95
C ALA A 200 -0.09 -7.20 5.26
N ARG A 201 -0.87 -8.28 5.20
CA ARG A 201 -1.18 -9.10 6.38
C ARG A 201 0.10 -9.67 7.00
N GLU A 202 0.99 -10.23 6.18
CA GLU A 202 2.23 -10.78 6.70
C GLU A 202 3.09 -9.68 7.31
N LEU A 203 3.07 -8.51 6.69
CA LEU A 203 3.84 -7.38 7.19
C LEU A 203 3.18 -6.93 8.50
N HIS A 204 1.86 -6.93 8.54
CA HIS A 204 1.13 -6.54 9.74
C HIS A 204 1.48 -7.46 10.90
N GLN A 205 1.47 -8.76 10.63
CA GLN A 205 1.78 -9.76 11.65
C GLN A 205 3.21 -9.59 12.12
N PHE A 206 4.12 -9.42 11.16
CA PHE A 206 5.53 -9.24 11.45
C PHE A 206 5.79 -8.00 12.30
N THR A 207 5.22 -6.87 11.88
CA THR A 207 5.40 -5.64 12.62
C THR A 207 4.80 -5.72 14.02
N PHE A 208 3.65 -6.35 14.14
CA PHE A 208 3.00 -6.48 15.44
C PHE A 208 3.87 -7.27 16.42
N ASP A 209 4.33 -8.44 15.99
CA ASP A 209 5.16 -9.25 16.87
C ASP A 209 6.45 -8.53 17.25
N LEU A 210 6.95 -7.71 16.34
CA LEU A 210 8.18 -6.97 16.62
C LEU A 210 7.95 -5.90 17.68
N LEU A 211 6.84 -5.17 17.56
CA LEU A 211 6.50 -4.13 18.53
C LEU A 211 6.45 -4.75 19.93
N ILE A 212 5.73 -5.86 20.06
CA ILE A 212 5.58 -6.56 21.33
C ILE A 212 6.92 -6.93 21.97
N LYS A 213 7.93 -7.18 21.15
CA LYS A 213 9.25 -7.55 21.68
C LYS A 213 10.31 -6.52 21.30
N SER A 214 9.88 -5.33 20.90
CA SER A 214 10.79 -4.26 20.47
C SER A 214 11.93 -3.96 21.44
N HIS A 215 11.67 -4.06 22.74
CA HIS A 215 12.68 -3.79 23.76
C HIS A 215 13.75 -4.89 23.82
N MET A 216 13.53 -5.97 23.08
CA MET A 216 14.46 -7.09 23.05
C MET A 216 15.42 -6.94 21.87
N VAL A 217 14.87 -6.55 20.73
CA VAL A 217 15.65 -6.38 19.51
C VAL A 217 16.23 -4.98 19.33
N SER A 218 15.99 -4.12 20.32
CA SER A 218 16.50 -2.75 20.28
C SER A 218 15.92 -1.96 19.12
N VAL A 219 14.60 -1.98 18.97
CA VAL A 219 13.94 -1.24 17.89
C VAL A 219 13.18 -0.05 18.46
N ASP A 220 13.47 1.13 17.91
CA ASP A 220 12.82 2.36 18.34
C ASP A 220 11.56 2.58 17.51
N PHE A 221 10.40 2.31 18.08
CA PHE A 221 9.17 2.51 17.34
C PHE A 221 8.61 3.91 17.47
N PRO A 222 8.43 4.59 16.32
CA PRO A 222 7.88 5.94 16.31
C PRO A 222 6.56 5.93 17.06
N GLU A 223 6.28 7.03 17.75
CA GLU A 223 5.07 7.18 18.53
C GLU A 223 3.81 6.87 17.72
N MET A 224 3.62 7.59 16.61
CA MET A 224 2.44 7.40 15.77
C MET A 224 2.26 5.96 15.32
N MET A 225 3.33 5.36 14.83
CA MET A 225 3.28 3.99 14.34
C MET A 225 2.94 3.05 15.47
N ALA A 226 3.58 3.22 16.62
CA ALA A 226 3.32 2.38 17.78
C ALA A 226 1.83 2.36 18.14
N GLU A 227 1.23 3.55 18.21
CA GLU A 227 -0.18 3.64 18.55
C GLU A 227 -1.04 2.89 17.54
N ILE A 228 -0.78 3.09 16.27
CA ILE A 228 -1.56 2.44 15.23
C ILE A 228 -1.40 0.92 15.23
N ILE A 229 -0.18 0.45 15.49
CA ILE A 229 0.09 -0.98 15.51
C ILE A 229 -0.64 -1.65 16.68
N SER A 230 -0.75 -0.93 17.79
CA SER A 230 -1.42 -1.49 18.97
C SER A 230 -2.92 -1.26 19.00
N VAL A 231 -3.41 -0.25 18.28
CA VAL A 231 -4.84 0.03 18.28
C VAL A 231 -5.57 -0.43 17.03
N GLN A 232 -4.96 -0.23 15.87
CA GLN A 232 -5.59 -0.59 14.61
C GLN A 232 -5.19 -1.96 14.06
N VAL A 233 -3.89 -2.23 14.02
CA VAL A 233 -3.40 -3.49 13.49
C VAL A 233 -4.01 -4.73 14.17
N PRO A 234 -4.23 -4.66 15.48
CA PRO A 234 -4.81 -5.84 16.14
C PRO A 234 -6.24 -6.14 15.65
N LYS A 235 -6.97 -5.11 15.23
CA LYS A 235 -8.33 -5.30 14.73
C LYS A 235 -8.29 -6.10 13.42
N ILE A 236 -7.27 -5.84 12.61
CA ILE A 236 -7.13 -6.52 11.34
C ILE A 236 -6.70 -7.97 11.58
N LEU A 237 -5.75 -8.13 12.48
CA LEU A 237 -5.25 -9.46 12.81
C LEU A 237 -6.27 -10.33 13.52
N SER A 238 -7.15 -9.71 14.31
CA SER A 238 -8.16 -10.48 15.02
C SER A 238 -9.42 -10.71 14.20
N GLY A 239 -9.44 -10.18 12.98
CA GLY A 239 -10.58 -10.37 12.11
C GLY A 239 -11.75 -9.40 12.20
N LYS A 240 -11.63 -8.36 13.02
CA LYS A 240 -12.70 -7.39 13.17
C LYS A 240 -12.72 -6.46 11.96
N VAL A 241 -11.55 -6.25 11.38
CA VAL A 241 -11.37 -5.40 10.21
C VAL A 241 -10.79 -6.27 9.11
N LYS A 242 -11.48 -6.36 7.97
CA LYS A 242 -11.01 -7.19 6.86
C LYS A 242 -11.01 -6.51 5.49
N PRO A 243 -10.10 -6.95 4.61
CA PRO A 243 -10.05 -6.35 3.27
C PRO A 243 -11.18 -6.87 2.39
N ILE A 244 -11.54 -6.09 1.38
CA ILE A 244 -12.58 -6.48 0.45
C ILE A 244 -11.88 -7.12 -0.73
N TYR A 245 -12.09 -8.42 -0.92
CA TYR A 245 -11.47 -9.10 -2.05
C TYR A 245 -12.47 -9.14 -3.19
N PHE A 246 -11.97 -9.13 -4.42
CA PHE A 246 -12.85 -9.21 -5.58
C PHE A 246 -13.20 -10.68 -5.81
N HIS A 247 -12.17 -11.51 -5.71
CA HIS A 247 -12.30 -12.95 -5.93
C HIS A 247 -12.31 -13.76 -4.65
#